data_2OGV
#
_entry.id   2OGV
#
_cell.length_a   104.253
_cell.length_b   57.298
_cell.length_c   56.785
_cell.angle_alpha   90.00
_cell.angle_beta   90.00
_cell.angle_gamma   90.00
#
_symmetry.space_group_name_H-M   'P 21 21 2'
#
loop_
_entity.id
_entity.type
_entity.pdbx_description
1 polymer 'Macrophage colony-stimulating factor 1 receptor precursor'
2 water water
#
_entity_poly.entity_id   1
_entity_poly.type   'polypeptide(L)'
_entity_poly.pdbx_seq_one_letter_code
;KPKYQVRWKIIESYEGNSYTFIDPTQLPYNEKWEFPRNNLQFGKTLGAGAFGKVVEATAFGLGKEDAVLKVAVKMLKSTA
HADEKEALMSELKIMSHLGQHENIVNLLGACTHGGPVLVITEYCCYGDLLNFLRRKAEADLDKEDGRPLELRDLLHFSSQ
VAQGMAFLASKNCIHRDVAARNVLLTNGHVAKIGDFGLARDIMNDSNYIVKGNARLPVKWMAPESIFDCVYTVQSDVWSY
GILLWEIFSLGLNPYPGILVNSKFYKLVKDGYQMAQPAFAPKNIYSIMQACWALEPTHRPTFQQICSFLQEQAQEDR
;
_entity_poly.pdbx_strand_id   A
#
# COMPACT_ATOMS: atom_id res chain seq x y z
N LYS A 1 -15.89 -8.02 -13.61
CA LYS A 1 -15.45 -8.88 -14.70
C LYS A 1 -14.43 -9.90 -14.22
N PRO A 2 -13.49 -9.46 -13.38
CA PRO A 2 -13.59 -8.14 -12.75
C PRO A 2 -12.69 -7.11 -13.42
N LYS A 3 -12.78 -5.85 -12.98
CA LYS A 3 -12.02 -4.78 -13.61
C LYS A 3 -10.91 -4.29 -12.70
N TYR A 4 -10.05 -3.42 -13.21
CA TYR A 4 -9.02 -2.77 -12.42
C TYR A 4 -9.63 -1.66 -11.59
N GLN A 5 -9.26 -1.61 -10.31
CA GLN A 5 -9.68 -0.54 -9.42
C GLN A 5 -8.73 -0.42 -8.23
N VAL A 6 -8.47 0.81 -7.81
CA VAL A 6 -7.82 1.06 -6.53
C VAL A 6 -8.85 1.50 -5.48
N ARG A 7 -8.65 1.03 -4.25
CA ARG A 7 -9.75 0.88 -3.30
C ARG A 7 -9.67 1.93 -2.21
N TRP A 8 -8.73 2.85 -2.34
CA TRP A 8 -8.72 4.08 -1.54
C TRP A 8 -10.12 4.68 -1.44
N LYS A 9 -10.41 5.29 -0.30
CA LYS A 9 -11.61 6.11 -0.16
C LYS A 9 -11.29 7.39 0.62
N ILE A 10 -12.07 8.44 0.35
CA ILE A 10 -12.00 9.66 1.15
C ILE A 10 -13.38 9.96 1.70
N ILE A 11 -13.43 10.20 3.00
CA ILE A 11 -14.66 10.55 3.69
C ILE A 11 -15.05 12.00 3.40
N GLU A 12 -16.30 12.22 3.01
CA GLU A 12 -16.92 13.54 3.08
C GLU A 12 -17.45 13.82 4.48
N SER A 13 -17.79 12.76 5.21
CA SER A 13 -18.72 12.87 6.32
C SER A 13 -19.41 11.55 6.61
N TYR A 14 -19.83 11.37 7.86
CA TYR A 14 -19.24 12.09 8.98
C TYR A 14 -20.23 12.31 10.11
N GLU A 15 -21.49 11.97 9.85
CA GLU A 15 -22.61 12.56 10.58
C GLU A 15 -23.67 11.52 10.93
N GLY A 16 -23.46 10.30 10.46
CA GLY A 16 -24.50 9.28 10.51
C GLY A 16 -25.07 9.10 11.90
N ASN A 17 -24.73 7.98 12.53
CA ASN A 17 -23.40 7.40 12.41
C ASN A 17 -23.22 6.63 11.10
N SER A 18 -22.97 7.36 10.03
CA SER A 18 -22.69 6.73 8.72
C SER A 18 -21.75 7.57 7.87
N TYR A 19 -20.90 6.90 7.11
CA TYR A 19 -19.92 7.54 6.25
C TYR A 19 -20.47 7.73 4.85
N THR A 20 -20.28 8.93 4.31
CA THR A 20 -20.51 9.19 2.89
C THR A 20 -19.16 9.54 2.28
N PHE A 21 -18.79 8.81 1.23
CA PHE A 21 -17.48 8.95 0.63
C PHE A 21 -17.51 9.83 -0.62
N ILE A 22 -16.36 10.41 -0.95
CA ILE A 22 -16.23 11.20 -2.17
C ILE A 22 -16.38 10.29 -3.38
N ASP A 23 -17.18 10.75 -4.35
CA ASP A 23 -17.23 10.09 -5.65
C ASP A 23 -16.11 10.70 -6.47
N PRO A 24 -15.04 9.92 -6.74
CA PRO A 24 -13.88 10.46 -7.46
C PRO A 24 -14.19 10.81 -8.91
N THR A 25 -15.22 10.15 -9.46
CA THR A 25 -15.76 10.44 -10.80
C THR A 25 -16.08 11.93 -10.96
N GLN A 26 -16.62 12.54 -9.91
CA GLN A 26 -17.03 13.95 -9.95
C GLN A 26 -15.88 14.92 -9.66
N LEU A 27 -14.74 14.40 -9.22
CA LEU A 27 -13.56 15.24 -9.01
C LEU A 27 -13.00 15.75 -10.34
N PRO A 28 -12.52 17.00 -10.36
CA PRO A 28 -11.92 17.53 -11.59
C PRO A 28 -10.43 17.20 -11.71
N TYR A 29 -10.01 16.85 -12.93
CA TYR A 29 -8.59 16.65 -13.22
C TYR A 29 -7.92 18.01 -13.39
N ASN A 30 -7.03 18.34 -12.47
CA ASN A 30 -6.25 19.57 -12.57
C ASN A 30 -5.15 19.41 -13.64
N GLU A 31 -5.25 20.22 -14.69
CA GLU A 31 -4.38 20.12 -15.87
C GLU A 31 -2.92 20.46 -15.60
N LYS A 32 -2.61 20.94 -14.38
CA LYS A 32 -1.24 21.29 -14.01
C LYS A 32 -0.31 20.07 -14.08
N TRP A 33 -0.89 18.88 -13.95
CA TRP A 33 -0.13 17.63 -13.95
C TRP A 33 0.30 17.18 -15.34
N GLU A 34 -0.34 17.70 -16.38
CA GLU A 34 -0.07 17.29 -17.75
C GLU A 34 1.42 17.33 -18.10
N PHE A 35 1.89 16.24 -18.70
CA PHE A 35 3.28 16.11 -19.08
C PHE A 35 3.35 15.47 -20.47
N PRO A 36 4.16 16.04 -21.37
CA PRO A 36 4.30 15.50 -22.74
C PRO A 36 4.86 14.08 -22.78
N ARG A 37 4.04 13.17 -23.30
CA ARG A 37 4.36 11.76 -23.55
C ARG A 37 5.77 11.54 -24.11
N ASN A 38 6.19 12.44 -25.00
CA ASN A 38 7.46 12.30 -25.69
C ASN A 38 8.65 12.71 -24.86
N ASN A 39 8.39 13.43 -23.77
CA ASN A 39 9.45 13.78 -22.83
C ASN A 39 9.76 12.66 -21.83
N LEU A 40 9.08 11.52 -22.01
CA LEU A 40 9.37 10.31 -21.25
C LEU A 40 10.16 9.32 -22.10
N GLN A 41 11.20 8.74 -21.50
CA GLN A 41 11.97 7.68 -22.15
C GLN A 41 11.72 6.41 -21.36
N PHE A 42 10.93 5.51 -21.96
CA PHE A 42 10.52 4.27 -21.30
C PHE A 42 11.67 3.26 -21.16
N GLY A 43 11.63 2.50 -20.07
CA GLY A 43 12.65 1.50 -19.76
C GLY A 43 12.06 0.15 -19.39
N LYS A 44 12.60 -0.45 -18.33
CA LYS A 44 12.19 -1.79 -17.91
C LYS A 44 10.82 -1.80 -17.24
N THR A 45 10.08 -2.90 -17.43
CA THR A 45 8.83 -3.13 -16.73
C THR A 45 9.10 -3.50 -15.28
N LEU A 46 8.53 -2.73 -14.36
CA LEU A 46 8.68 -2.99 -12.93
C LEU A 46 7.71 -4.07 -12.47
N GLY A 47 6.62 -4.25 -13.23
CA GLY A 47 5.61 -5.25 -12.92
C GLY A 47 4.46 -5.17 -13.90
N ALA A 48 4.02 -6.33 -14.35
CA ALA A 48 2.92 -6.43 -15.32
C ALA A 48 1.81 -7.32 -14.79
N GLY A 49 0.60 -6.76 -14.65
CA GLY A 49 -0.55 -7.51 -14.18
C GLY A 49 -1.57 -7.79 -15.27
N ALA A 50 -2.73 -8.31 -14.85
CA ALA A 50 -3.81 -8.67 -15.78
C ALA A 50 -4.48 -7.47 -16.47
N PHE A 51 -4.51 -6.33 -15.78
CA PHE A 51 -5.22 -5.15 -16.27
C PHE A 51 -4.33 -4.11 -16.93
N GLY A 52 -3.04 -4.15 -16.62
CA GLY A 52 -2.06 -3.21 -17.17
C GLY A 52 -0.69 -3.48 -16.59
N LYS A 53 0.23 -2.54 -16.79
CA LYS A 53 1.58 -2.68 -16.25
C LYS A 53 2.10 -1.39 -15.61
N VAL A 54 3.17 -1.52 -14.83
CA VAL A 54 3.86 -0.36 -14.28
C VAL A 54 5.28 -0.36 -14.86
N VAL A 55 5.63 0.73 -15.55
CA VAL A 55 6.89 0.80 -16.28
C VAL A 55 7.78 1.91 -15.70
N GLU A 56 9.08 1.62 -15.62
CA GLU A 56 10.07 2.63 -15.26
C GLU A 56 10.33 3.51 -16.48
N ALA A 57 10.41 4.82 -16.27
CA ALA A 57 10.73 5.74 -17.34
C ALA A 57 11.71 6.78 -16.86
N THR A 58 12.34 7.47 -17.80
CA THR A 58 13.15 8.63 -17.48
C THR A 58 12.38 9.84 -17.97
N ALA A 59 12.09 10.77 -17.06
CA ALA A 59 11.38 12.00 -17.42
C ALA A 59 12.35 13.16 -17.62
N PHE A 60 12.13 13.93 -18.68
CA PHE A 60 12.94 15.12 -19.00
C PHE A 60 12.07 16.36 -18.93
N GLY A 61 12.47 17.31 -18.09
CA GLY A 61 11.77 18.59 -18.01
C GLY A 61 10.55 18.58 -17.12
N LEU A 62 10.54 17.70 -16.12
CA LEU A 62 9.45 17.63 -15.13
C LEU A 62 9.73 18.52 -13.93
N GLY A 63 8.99 19.61 -13.81
CA GLY A 63 9.17 20.58 -12.73
C GLY A 63 10.32 21.55 -12.93
N LYS A 64 11.13 21.30 -13.94
CA LYS A 64 12.29 22.15 -14.31
C LYS A 64 12.86 21.66 -15.64
N GLU A 65 13.10 22.60 -16.56
CA GLU A 65 13.50 22.30 -17.95
C GLU A 65 14.67 21.30 -18.11
N ASP A 66 15.70 21.45 -17.28
CA ASP A 66 16.91 20.63 -17.36
C ASP A 66 16.83 19.32 -16.57
N ALA A 67 15.82 19.20 -15.72
CA ALA A 67 15.74 18.07 -14.79
C ALA A 67 15.77 16.74 -15.52
N VAL A 68 16.60 15.82 -15.06
CA VAL A 68 16.51 14.42 -15.46
C VAL A 68 16.22 13.52 -14.26
N LEU A 69 15.17 12.71 -14.38
CA LEU A 69 14.54 12.10 -13.21
C LEU A 69 13.92 10.76 -13.57
N LYS A 70 14.37 9.71 -12.89
CA LYS A 70 13.78 8.38 -13.05
C LYS A 70 12.40 8.31 -12.39
N VAL A 71 11.41 7.86 -13.15
CA VAL A 71 10.02 7.84 -12.67
C VAL A 71 9.37 6.49 -12.87
N ALA A 72 8.22 6.29 -12.24
CA ALA A 72 7.39 5.12 -12.47
C ALA A 72 6.12 5.60 -13.14
N VAL A 73 5.75 4.94 -14.23
CA VAL A 73 4.54 5.30 -14.97
C VAL A 73 3.56 4.13 -15.06
N LYS A 74 2.34 4.40 -14.64
CA LYS A 74 1.28 3.40 -14.64
C LYS A 74 0.45 3.52 -15.92
N MET A 75 0.05 2.39 -16.46
CA MET A 75 -0.78 2.36 -17.67
C MET A 75 -1.61 1.09 -17.70
N LEU A 76 -2.78 1.18 -18.34
CA LEU A 76 -3.61 0.01 -18.57
C LEU A 76 -3.23 -0.69 -19.87
N LYS A 77 -3.80 -1.88 -20.10
CA LYS A 77 -3.62 -2.60 -21.36
C LYS A 77 -4.44 -1.96 -22.49
N SER A 78 -4.03 -2.22 -23.72
CA SER A 78 -4.74 -1.75 -24.92
C SER A 78 -6.22 -2.13 -24.93
N THR A 79 -6.53 -3.33 -24.41
CA THR A 79 -7.91 -3.83 -24.34
C THR A 79 -8.62 -3.44 -23.02
N ALA A 80 -8.50 -2.16 -22.64
CA ALA A 80 -9.07 -1.65 -21.40
C ALA A 80 -10.59 -1.59 -21.44
N HIS A 81 -11.23 -2.06 -20.37
CA HIS A 81 -12.69 -2.25 -20.31
C HIS A 81 -13.52 -0.97 -20.16
N ALA A 82 -13.17 0.06 -20.93
CA ALA A 82 -14.02 1.24 -21.09
C ALA A 82 -13.99 2.10 -19.83
N ASP A 83 -13.53 1.52 -18.73
CA ASP A 83 -13.34 2.27 -17.49
C ASP A 83 -13.58 1.39 -16.27
N GLU A 84 -12.67 1.47 -15.30
CA GLU A 84 -11.26 1.21 -15.55
C GLU A 84 -10.57 2.47 -16.11
N LYS A 85 -10.53 2.58 -17.43
CA LYS A 85 -10.13 3.82 -18.08
C LYS A 85 -10.49 5.03 -17.23
N GLU A 86 -11.56 4.88 -16.44
CA GLU A 86 -11.95 5.93 -15.50
C GLU A 86 -11.36 5.68 -14.11
N ALA A 87 -11.29 4.40 -13.74
CA ALA A 87 -10.69 4.03 -12.46
C ALA A 87 -9.25 4.50 -12.35
N LEU A 88 -8.52 4.40 -13.45
CA LEU A 88 -7.17 4.96 -13.54
C LEU A 88 -7.24 6.47 -13.39
N MET A 89 -8.26 7.07 -14.00
CA MET A 89 -8.47 8.50 -13.88
C MET A 89 -8.84 8.90 -12.46
N SER A 90 -9.60 8.05 -11.77
CA SER A 90 -10.08 8.35 -10.44
C SER A 90 -8.92 8.58 -9.47
N GLU A 91 -8.19 7.51 -9.18
CA GLU A 91 -6.79 7.41 -9.59
C GLU A 91 -5.95 8.51 -8.93
N LEU A 92 -4.89 8.92 -9.61
CA LEU A 92 -4.80 10.27 -10.14
C LEU A 92 -5.58 11.26 -9.28
N LYS A 93 -6.90 11.31 -9.48
CA LYS A 93 -7.73 12.32 -8.86
C LYS A 93 -7.63 12.26 -7.33
N ILE A 94 -8.02 11.12 -6.76
CA ILE A 94 -8.00 10.94 -5.31
C ILE A 94 -6.67 11.42 -4.74
N MET A 95 -5.74 11.80 -5.62
CA MET A 95 -4.33 11.56 -5.40
C MET A 95 -3.49 12.76 -5.80
N SER A 96 -3.98 13.51 -6.79
CA SER A 96 -4.05 14.96 -6.69
C SER A 96 -4.54 15.40 -5.32
N HIS A 97 -5.76 14.98 -4.97
CA HIS A 97 -6.51 15.64 -3.90
C HIS A 97 -5.84 15.55 -2.54
N LEU A 98 -5.10 14.46 -2.32
CA LEU A 98 -4.43 14.20 -1.05
C LEU A 98 -3.23 15.11 -0.79
N GLY A 99 -2.47 15.41 -1.84
CA GLY A 99 -1.25 16.21 -1.69
C GLY A 99 -0.07 15.33 -1.36
N GLN A 100 1.11 15.95 -1.23
CA GLN A 100 2.35 15.21 -1.08
C GLN A 100 2.68 14.83 0.37
N HIS A 101 3.35 13.68 0.51
CA HIS A 101 3.97 13.26 1.75
C HIS A 101 5.19 12.37 1.47
N GLU A 102 6.19 12.53 2.32
CA GLU A 102 7.45 11.79 2.26
C GLU A 102 7.26 10.26 2.19
N ASN A 103 6.32 9.74 2.97
CA ASN A 103 6.12 8.30 3.15
C ASN A 103 4.90 7.72 2.42
N ILE A 104 4.47 8.43 1.37
CA ILE A 104 3.52 7.87 0.42
C ILE A 104 4.13 7.98 -0.97
N VAL A 105 3.71 7.11 -1.88
CA VAL A 105 4.17 7.19 -3.28
C VAL A 105 3.46 8.37 -3.92
N ASN A 106 4.24 9.37 -4.32
CA ASN A 106 3.65 10.64 -4.74
C ASN A 106 3.37 10.69 -6.21
N LEU A 107 2.31 11.42 -6.57
CA LEU A 107 1.98 11.70 -7.94
C LEU A 107 2.92 12.78 -8.46
N LEU A 108 3.44 12.57 -9.66
CA LEU A 108 4.39 13.49 -10.26
C LEU A 108 3.84 14.15 -11.52
N GLY A 109 2.86 13.50 -12.16
CA GLY A 109 2.21 14.06 -13.34
C GLY A 109 1.39 13.04 -14.09
N ALA A 110 0.81 13.45 -15.22
CA ALA A 110 0.01 12.56 -16.06
C ALA A 110 0.08 12.92 -17.53
N CYS A 111 -0.19 11.95 -18.39
CA CYS A 111 -0.32 12.20 -19.82
C CYS A 111 -1.74 11.82 -20.23
N THR A 112 -2.51 12.81 -20.66
CA THR A 112 -3.94 12.62 -20.93
C THR A 112 -4.33 12.88 -22.39
N HIS A 113 -3.40 13.47 -23.14
CA HIS A 113 -3.58 13.73 -24.57
C HIS A 113 -2.48 13.01 -25.33
N GLY A 114 -2.78 12.65 -26.58
CA GLY A 114 -1.79 12.04 -27.46
C GLY A 114 -1.64 10.54 -27.32
N GLY A 115 -2.59 9.92 -26.63
CA GLY A 115 -2.59 8.48 -26.44
C GLY A 115 -3.34 8.04 -25.19
N PRO A 116 -3.14 6.76 -24.79
CA PRO A 116 -3.73 6.23 -23.55
C PRO A 116 -3.27 7.02 -22.32
N VAL A 117 -4.11 7.09 -21.31
CA VAL A 117 -3.79 7.79 -20.06
C VAL A 117 -2.59 7.14 -19.36
N LEU A 118 -1.61 7.98 -19.02
CA LEU A 118 -0.44 7.54 -18.26
C LEU A 118 -0.39 8.30 -16.95
N VAL A 119 -0.07 7.60 -15.87
CA VAL A 119 0.04 8.20 -14.55
C VAL A 119 1.48 8.09 -14.05
N ILE A 120 2.13 9.23 -13.89
CA ILE A 120 3.53 9.28 -13.48
C ILE A 120 3.63 9.44 -11.97
N THR A 121 4.28 8.48 -11.31
CA THR A 121 4.48 8.54 -9.86
C THR A 121 5.98 8.49 -9.53
N GLU A 122 6.30 8.55 -8.24
CA GLU A 122 7.67 8.43 -7.78
C GLU A 122 8.22 7.03 -8.05
N TYR A 123 9.46 6.97 -8.54
CA TYR A 123 10.14 5.70 -8.73
C TYR A 123 10.80 5.22 -7.46
N CYS A 124 10.72 3.91 -7.20
CA CYS A 124 11.23 3.34 -5.96
C CYS A 124 12.16 2.17 -6.25
N CYS A 125 13.47 2.41 -6.14
CA CYS A 125 14.45 1.64 -6.89
C CYS A 125 14.62 0.24 -6.30
N TYR A 126 14.17 0.06 -5.06
CA TYR A 126 14.37 -1.18 -4.35
C TYR A 126 13.12 -2.05 -4.40
N GLY A 127 12.07 -1.53 -5.00
CA GLY A 127 10.82 -2.29 -5.18
C GLY A 127 10.03 -2.44 -3.90
N ASP A 128 9.16 -3.46 -3.87
CA ASP A 128 8.27 -3.69 -2.73
C ASP A 128 9.00 -4.22 -1.49
N LEU A 129 8.46 -3.89 -0.32
CA LEU A 129 9.02 -4.33 0.96
C LEU A 129 9.03 -5.86 1.10
N LEU A 130 7.96 -6.51 0.65
CA LEU A 130 7.83 -7.96 0.75
C LEU A 130 8.96 -8.70 0.03
N ASN A 131 9.17 -8.41 -1.24
CA ASN A 131 10.25 -9.05 -2.00
C ASN A 131 11.62 -8.77 -1.43
N PHE A 132 11.85 -7.53 -1.03
CA PHE A 132 13.09 -7.11 -0.37
C PHE A 132 13.38 -7.96 0.86
N LEU A 133 12.38 -8.10 1.72
CA LEU A 133 12.52 -8.90 2.92
C LEU A 133 12.80 -10.36 2.58
N ARG A 134 12.01 -10.91 1.67
CA ARG A 134 12.16 -12.30 1.25
C ARG A 134 13.52 -12.54 0.61
N ARG A 135 14.02 -11.54 -0.13
CA ARG A 135 15.33 -11.65 -0.78
C ARG A 135 16.47 -11.58 0.22
N LYS A 136 16.28 -10.81 1.29
CA LYS A 136 17.29 -10.77 2.34
C LYS A 136 17.21 -11.97 3.28
N ALA A 137 16.02 -12.57 3.38
CA ALA A 137 15.81 -13.77 4.20
C ALA A 137 16.34 -15.05 3.56
N GLU A 138 16.16 -15.21 2.25
CA GLU A 138 16.65 -16.39 1.52
C GLU A 138 18.11 -16.70 1.83
N ALA A 139 18.47 -17.95 2.02
CA ALA A 139 19.88 -18.24 2.29
C ALA A 139 20.73 -18.67 1.08
N ASP A 140 21.19 -17.69 0.29
CA ASP A 140 22.06 -17.91 -0.88
C ASP A 140 22.66 -16.62 -1.40
N LEU A 141 23.99 -16.56 -1.49
CA LEU A 141 24.71 -15.28 -1.43
C LEU A 141 24.98 -14.77 -2.84
N ASP A 142 24.74 -15.64 -3.83
CA ASP A 142 24.78 -15.27 -5.24
C ASP A 142 23.63 -14.32 -5.59
N LYS A 143 22.53 -14.44 -4.87
CA LYS A 143 21.37 -13.58 -5.05
C LYS A 143 21.52 -12.29 -4.24
N GLU A 144 21.78 -12.43 -2.94
CA GLU A 144 21.92 -11.28 -2.06
C GLU A 144 23.10 -11.45 -1.10
N ASP A 145 23.74 -10.34 -0.76
CA ASP A 145 25.13 -10.37 -0.29
C ASP A 145 25.34 -9.35 0.83
N GLY A 146 24.37 -8.49 1.04
CA GLY A 146 24.61 -7.19 1.64
C GLY A 146 24.61 -7.25 3.16
N ARG A 147 24.86 -6.11 3.79
CA ARG A 147 24.66 -5.98 5.24
C ARG A 147 23.53 -6.87 5.72
N PRO A 148 23.74 -7.52 6.86
CA PRO A 148 22.69 -8.32 7.50
C PRO A 148 21.58 -7.42 8.05
N LEU A 149 20.32 -7.81 7.83
CA LEU A 149 19.18 -7.10 8.39
C LEU A 149 19.28 -7.04 9.92
N GLU A 150 18.93 -5.90 10.48
CA GLU A 150 18.85 -5.79 11.94
C GLU A 150 17.53 -5.20 12.40
N LEU A 151 17.27 -5.25 13.70
CA LEU A 151 16.05 -4.73 14.28
C LEU A 151 15.77 -3.28 13.87
N ARG A 152 16.79 -2.43 13.88
CA ARG A 152 16.63 -1.01 13.57
C ARG A 152 16.07 -0.78 12.16
N ASP A 153 16.48 -1.62 11.22
CA ASP A 153 15.96 -1.58 9.85
C ASP A 153 14.46 -1.87 9.81
N LEU A 154 14.04 -2.89 10.56
CA LEU A 154 12.64 -3.31 10.63
C LEU A 154 11.79 -2.26 11.31
N LEU A 155 12.35 -1.59 12.31
CA LEU A 155 11.67 -0.49 12.99
C LEU A 155 11.51 0.71 12.06
N HIS A 156 12.56 1.03 11.31
CA HIS A 156 12.50 2.10 10.31
C HIS A 156 11.38 1.88 9.28
N PHE A 157 11.31 0.70 8.66
CA PHE A 157 10.24 0.41 7.71
C PHE A 157 8.88 0.63 8.35
N SER A 158 8.74 0.14 9.59
CA SER A 158 7.47 0.20 10.32
C SER A 158 7.03 1.64 10.61
N SER A 159 7.96 2.45 11.13
CA SER A 159 7.65 3.83 11.52
C SER A 159 7.42 4.71 10.31
N GLN A 160 8.09 4.39 9.21
CA GLN A 160 7.95 5.15 7.98
C GLN A 160 6.59 4.95 7.32
N VAL A 161 6.07 3.72 7.37
CA VAL A 161 4.74 3.39 6.85
C VAL A 161 3.66 3.97 7.76
N ALA A 162 3.83 3.80 9.07
CA ALA A 162 2.94 4.37 10.08
C ALA A 162 2.75 5.88 9.89
N GLN A 163 3.86 6.59 9.67
CA GLN A 163 3.84 8.04 9.39
C GLN A 163 3.05 8.40 8.14
N GLY A 164 3.27 7.65 7.06
CA GLY A 164 2.50 7.81 5.84
C GLY A 164 1.03 7.56 6.06
N MET A 165 0.73 6.52 6.85
CA MET A 165 -0.65 6.20 7.21
C MET A 165 -1.27 7.27 8.10
N ALA A 166 -0.50 7.81 9.03
CA ALA A 166 -0.97 8.88 9.91
C ALA A 166 -1.38 10.11 9.11
N PHE A 167 -0.64 10.39 8.03
CA PHE A 167 -0.96 11.46 7.10
C PHE A 167 -2.30 11.23 6.42
N LEU A 168 -2.47 10.05 5.81
CA LEU A 168 -3.71 9.71 5.11
C LEU A 168 -4.92 9.81 6.01
N ALA A 169 -4.81 9.25 7.20
CA ALA A 169 -5.85 9.33 8.22
C ALA A 169 -6.20 10.79 8.52
N SER A 170 -5.18 11.64 8.58
CA SER A 170 -5.41 13.06 8.84
C SER A 170 -6.19 13.70 7.70
N LYS A 171 -6.08 13.12 6.51
CA LYS A 171 -6.85 13.60 5.35
C LYS A 171 -8.06 12.74 5.00
N ASN A 172 -8.66 12.12 6.02
CA ASN A 172 -9.90 11.34 5.90
C ASN A 172 -9.82 10.23 4.85
N CYS A 173 -8.62 9.71 4.66
CA CYS A 173 -8.38 8.70 3.65
C CYS A 173 -8.17 7.30 4.25
N ILE A 174 -8.97 6.35 3.75
CA ILE A 174 -8.81 4.94 4.10
C ILE A 174 -8.22 4.18 2.91
N HIS A 175 -7.07 3.55 3.14
CA HIS A 175 -6.32 2.82 2.12
C HIS A 175 -7.05 1.57 1.64
N ARG A 176 -7.45 0.74 2.60
CA ARG A 176 -8.18 -0.53 2.38
C ARG A 176 -7.32 -1.68 1.83
N ASP A 177 -6.02 -1.47 1.71
CA ASP A 177 -5.10 -2.55 1.33
C ASP A 177 -3.67 -2.33 1.83
N VAL A 178 -3.53 -2.00 3.11
CA VAL A 178 -2.22 -1.90 3.74
C VAL A 178 -1.64 -3.30 3.86
N ALA A 179 -0.50 -3.52 3.20
CA ALA A 179 0.15 -4.81 3.14
C ALA A 179 1.57 -4.61 2.61
N ALA A 180 2.48 -5.52 2.96
CA ALA A 180 3.89 -5.40 2.58
C ALA A 180 4.06 -5.28 1.06
N ARG A 181 3.18 -5.95 0.31
CA ARG A 181 3.19 -5.90 -1.15
C ARG A 181 2.90 -4.50 -1.70
N ASN A 182 2.26 -3.65 -0.89
CA ASN A 182 1.92 -2.28 -1.31
C ASN A 182 2.80 -1.18 -0.72
N VAL A 183 3.86 -1.59 0.00
CA VAL A 183 4.86 -0.66 0.51
C VAL A 183 6.06 -0.76 -0.41
N LEU A 184 6.48 0.38 -0.95
CA LEU A 184 7.63 0.43 -1.86
C LEU A 184 8.79 1.18 -1.22
N LEU A 185 10.01 0.74 -1.50
CA LEU A 185 11.20 1.29 -0.85
C LEU A 185 12.00 2.16 -1.79
N THR A 186 12.29 3.39 -1.36
CA THR A 186 13.03 4.35 -2.19
C THR A 186 14.48 4.51 -1.72
N ASN A 187 15.13 5.61 -2.12
CA ASN A 187 16.54 5.85 -1.79
C ASN A 187 16.80 5.79 -0.30
N GLY A 188 17.79 5.01 0.09
CA GLY A 188 18.09 4.78 1.51
C GLY A 188 17.08 3.86 2.17
N HIS A 189 16.38 3.05 1.37
CA HIS A 189 15.42 2.07 1.87
C HIS A 189 14.30 2.69 2.71
N VAL A 190 13.92 3.91 2.36
CA VAL A 190 12.84 4.61 3.02
C VAL A 190 11.53 4.07 2.48
N ALA A 191 10.65 3.63 3.37
CA ALA A 191 9.38 3.03 2.99
C ALA A 191 8.33 4.07 2.57
N LYS A 192 7.57 3.73 1.53
CA LYS A 192 6.47 4.57 1.04
C LYS A 192 5.27 3.67 0.82
N ILE A 193 4.10 4.09 1.29
CA ILE A 193 2.90 3.30 1.02
C ILE A 193 2.15 3.81 -0.21
N GLY A 194 1.87 2.90 -1.14
CA GLY A 194 1.06 3.20 -2.30
C GLY A 194 0.14 2.05 -2.65
N ASP A 195 -0.21 1.94 -3.92
CA ASP A 195 -0.92 0.78 -4.41
C ASP A 195 -0.21 0.29 -5.65
N PHE A 196 0.23 -0.96 -5.61
CA PHE A 196 1.00 -1.56 -6.70
C PHE A 196 0.21 -2.69 -7.33
N GLY A 197 -1.10 -2.64 -7.16
CA GLY A 197 -2.02 -3.69 -7.63
C GLY A 197 -2.03 -3.87 -9.14
N LEU A 198 -1.72 -2.79 -9.86
CA LEU A 198 -1.64 -2.83 -11.32
C LEU A 198 -0.51 -3.74 -11.79
N ALA A 199 0.59 -3.73 -11.04
CA ALA A 199 1.77 -4.55 -11.33
C ALA A 199 1.56 -6.04 -11.04
N ARG A 200 0.55 -6.37 -10.24
CA ARG A 200 0.31 -7.74 -9.82
C ARG A 200 -0.88 -8.37 -10.55
N ASP A 201 -0.86 -9.70 -10.66
CA ASP A 201 -1.97 -10.48 -11.22
C ASP A 201 -2.92 -10.92 -10.11
N ILE A 202 -4.04 -10.21 -9.97
CA ILE A 202 -4.97 -10.42 -8.86
C ILE A 202 -5.79 -11.73 -8.97
N MET A 203 -5.88 -12.28 -10.18
CA MET A 203 -6.78 -13.41 -10.41
C MET A 203 -6.17 -14.76 -9.99
N ASN A 204 -4.86 -14.79 -9.85
CA ASN A 204 -4.17 -15.97 -9.35
C ASN A 204 -3.33 -15.66 -8.10
N ASP A 205 -3.83 -14.74 -7.28
CA ASP A 205 -3.22 -14.43 -6.00
C ASP A 205 -4.06 -15.05 -4.89
N SER A 206 -3.48 -16.03 -4.20
CA SER A 206 -4.15 -16.74 -3.10
C SER A 206 -4.48 -15.84 -1.91
N ASN A 207 -3.89 -14.64 -1.89
CA ASN A 207 -4.20 -13.63 -0.89
C ASN A 207 -5.54 -12.93 -1.11
N TYR A 208 -6.03 -12.97 -2.34
CA TYR A 208 -7.30 -12.33 -2.68
C TYR A 208 -8.40 -13.37 -2.86
N ILE A 209 -9.36 -13.36 -1.94
CA ILE A 209 -10.38 -14.40 -1.84
C ILE A 209 -11.75 -13.84 -2.18
N VAL A 210 -12.51 -14.61 -2.95
CA VAL A 210 -13.91 -14.29 -3.27
C VAL A 210 -14.73 -14.22 -1.97
N LYS A 211 -15.17 -13.02 -1.63
CA LYS A 211 -16.07 -12.79 -0.51
C LYS A 211 -17.41 -12.28 -1.05
N GLY A 212 -18.13 -13.17 -1.73
CA GLY A 212 -19.41 -12.84 -2.35
C GLY A 212 -19.30 -11.86 -3.49
N ASN A 213 -19.14 -10.58 -3.15
CA ASN A 213 -19.17 -9.48 -4.13
C ASN A 213 -17.87 -9.31 -4.93
N ALA A 214 -16.74 -9.17 -4.22
CA ALA A 214 -15.45 -8.90 -4.87
C ALA A 214 -14.36 -9.89 -4.47
N ARG A 215 -13.11 -9.54 -4.79
CA ARG A 215 -11.93 -10.31 -4.39
C ARG A 215 -11.05 -9.49 -3.44
N LEU A 216 -11.12 -9.85 -2.15
CA LEU A 216 -10.58 -9.02 -1.09
C LEU A 216 -9.42 -9.70 -0.36
N PRO A 217 -8.45 -8.90 0.13
CA PRO A 217 -7.34 -9.43 0.93
C PRO A 217 -7.78 -9.75 2.36
N VAL A 218 -8.54 -10.84 2.52
CA VAL A 218 -9.24 -11.17 3.77
C VAL A 218 -8.33 -11.36 4.99
N LYS A 219 -7.14 -11.92 4.78
CA LYS A 219 -6.17 -12.12 5.86
C LYS A 219 -5.62 -10.81 6.45
N TRP A 220 -5.75 -9.71 5.70
CA TRP A 220 -5.30 -8.40 6.16
C TRP A 220 -6.48 -7.56 6.66
N MET A 221 -7.65 -8.17 6.80
CA MET A 221 -8.88 -7.42 7.06
C MET A 221 -9.40 -7.57 8.50
N ALA A 222 -9.87 -6.46 9.07
CA ALA A 222 -10.52 -6.46 10.38
C ALA A 222 -11.84 -7.24 10.33
N PRO A 223 -12.29 -7.79 11.48
CA PRO A 223 -13.55 -8.56 11.50
C PRO A 223 -14.77 -7.74 11.04
N GLU A 224 -14.83 -6.46 11.39
CA GLU A 224 -15.98 -5.63 11.03
C GLU A 224 -15.99 -5.24 9.55
N SER A 225 -14.87 -5.44 8.87
CA SER A 225 -14.82 -5.26 7.42
C SER A 225 -15.40 -6.49 6.76
N ILE A 226 -15.07 -7.65 7.31
CA ILE A 226 -15.61 -8.91 6.82
C ILE A 226 -17.12 -8.98 7.02
N PHE A 227 -17.53 -9.30 8.25
CA PHE A 227 -18.72 -8.71 8.85
C PHE A 227 -19.85 -8.57 7.82
N ASP A 228 -19.96 -7.39 7.24
CA ASP A 228 -20.27 -6.18 8.00
C ASP A 228 -19.79 -4.93 7.27
N CYS A 229 -18.67 -5.08 6.56
CA CYS A 229 -18.37 -4.24 5.41
C CYS A 229 -18.02 -2.81 5.86
N VAL A 230 -17.68 -2.67 7.13
CA VAL A 230 -17.29 -1.37 7.68
C VAL A 230 -15.78 -1.16 7.47
N TYR A 231 -15.42 -0.05 6.84
CA TYR A 231 -14.01 0.31 6.70
C TYR A 231 -13.78 1.69 7.30
N THR A 232 -12.74 1.79 8.12
CA THR A 232 -12.39 3.03 8.80
C THR A 232 -10.88 3.15 8.91
N VAL A 233 -10.41 4.23 9.55
CA VAL A 233 -9.00 4.40 9.88
C VAL A 233 -8.53 3.28 10.82
N GLN A 234 -9.38 2.95 11.79
CA GLN A 234 -9.11 1.87 12.74
C GLN A 234 -9.03 0.52 12.04
N SER A 235 -9.78 0.38 10.95
CA SER A 235 -9.76 -0.82 10.12
C SER A 235 -8.42 -0.97 9.38
N ASP A 236 -7.86 0.16 8.95
CA ASP A 236 -6.52 0.21 8.35
C ASP A 236 -5.43 -0.08 9.39
N VAL A 237 -5.71 0.23 10.65
CA VAL A 237 -4.77 -0.04 11.74
C VAL A 237 -4.67 -1.55 11.98
N TRP A 238 -5.79 -2.26 11.86
CA TRP A 238 -5.79 -3.72 11.92
C TRP A 238 -4.86 -4.31 10.84
N SER A 239 -5.01 -3.82 9.61
CA SER A 239 -4.18 -4.26 8.49
C SER A 239 -2.70 -3.95 8.73
N TYR A 240 -2.44 -2.87 9.46
CA TYR A 240 -1.08 -2.46 9.78
C TYR A 240 -0.43 -3.46 10.74
N GLY A 241 -1.21 -3.96 11.69
CA GLY A 241 -0.76 -4.99 12.62
C GLY A 241 -0.38 -6.26 11.87
N ILE A 242 -1.18 -6.62 10.86
CA ILE A 242 -0.83 -7.72 9.97
C ILE A 242 0.48 -7.41 9.24
N LEU A 243 0.63 -6.17 8.78
CA LEU A 243 1.85 -5.72 8.11
C LEU A 243 3.06 -5.83 9.04
N LEU A 244 2.87 -5.41 10.30
CA LEU A 244 3.89 -5.57 11.32
C LEU A 244 4.36 -7.01 11.39
N TRP A 245 3.40 -7.94 11.43
CA TRP A 245 3.69 -9.36 11.39
C TRP A 245 4.51 -9.71 10.14
N GLU A 246 4.08 -9.19 8.99
CA GLU A 246 4.79 -9.45 7.72
C GLU A 246 6.24 -9.01 7.82
N ILE A 247 6.48 -7.86 8.42
CA ILE A 247 7.83 -7.31 8.55
C ILE A 247 8.70 -8.12 9.50
N PHE A 248 8.19 -8.40 10.70
CA PHE A 248 8.98 -9.05 11.75
C PHE A 248 9.05 -10.57 11.66
N SER A 249 8.42 -11.11 10.61
CA SER A 249 8.58 -12.51 10.24
C SER A 249 9.39 -12.62 8.95
N LEU A 250 9.84 -11.47 8.45
CA LEU A 250 10.63 -11.36 7.21
C LEU A 250 9.95 -11.96 5.97
N GLY A 251 8.72 -11.55 5.74
CA GLY A 251 8.03 -11.88 4.50
C GLY A 251 7.18 -13.13 4.50
N LEU A 252 7.04 -13.80 5.64
CA LEU A 252 6.11 -14.92 5.72
C LEU A 252 4.68 -14.44 5.45
N ASN A 253 3.91 -15.29 4.78
CA ASN A 253 2.49 -15.05 4.55
C ASN A 253 1.75 -15.12 5.88
N PRO A 254 0.85 -14.15 6.14
CA PRO A 254 0.01 -14.13 7.35
C PRO A 254 -0.82 -15.40 7.50
N TYR A 255 -1.07 -15.78 8.74
CA TYR A 255 -1.78 -17.02 9.06
C TYR A 255 -1.25 -18.19 8.21
N PRO A 256 0.07 -18.47 8.31
CA PRO A 256 0.68 -19.44 7.37
C PRO A 256 0.02 -20.82 7.40
N GLY A 257 -0.46 -21.25 6.24
CA GLY A 257 -1.07 -22.57 6.07
C GLY A 257 -2.51 -22.69 6.53
N ILE A 258 -3.04 -21.64 7.15
CA ILE A 258 -4.41 -21.63 7.67
C ILE A 258 -5.41 -21.74 6.51
N LEU A 259 -6.38 -22.63 6.67
CA LEU A 259 -7.41 -22.84 5.68
C LEU A 259 -8.43 -21.74 5.85
N VAL A 260 -8.54 -20.87 4.84
CA VAL A 260 -9.30 -19.63 4.97
C VAL A 260 -10.80 -19.90 4.87
N ASN A 261 -11.42 -20.18 6.00
CA ASN A 261 -12.83 -20.54 6.03
C ASN A 261 -13.73 -19.34 6.29
N SER A 262 -14.28 -19.27 7.50
CA SER A 262 -15.64 -19.75 7.75
C SER A 262 -16.31 -18.96 8.88
N LYS A 263 -15.65 -18.92 10.04
CA LYS A 263 -15.11 -20.12 10.64
C LYS A 263 -13.64 -19.94 11.01
N PHE A 264 -12.80 -19.69 10.01
CA PHE A 264 -11.65 -18.80 10.17
C PHE A 264 -12.10 -17.37 10.43
N TYR A 265 -13.05 -16.89 9.65
CA TYR A 265 -13.61 -15.55 9.85
C TYR A 265 -14.23 -15.39 11.23
N LYS A 266 -15.01 -16.38 11.66
CA LYS A 266 -15.66 -16.35 12.96
C LYS A 266 -14.66 -16.43 14.10
N LEU A 267 -13.65 -17.28 13.94
CA LEU A 267 -12.59 -17.44 14.94
C LEU A 267 -11.78 -16.17 15.18
N VAL A 268 -11.51 -15.43 14.11
CA VAL A 268 -10.84 -14.15 14.22
C VAL A 268 -11.73 -13.11 14.91
N LYS A 269 -13.01 -13.12 14.55
CA LYS A 269 -13.98 -12.24 15.17
C LYS A 269 -14.19 -12.59 16.64
N ASP A 270 -14.00 -13.87 16.97
CA ASP A 270 -14.07 -14.32 18.35
C ASP A 270 -12.70 -14.27 19.01
N GLY A 271 -11.70 -13.83 18.25
CA GLY A 271 -10.55 -13.16 18.83
C GLY A 271 -9.27 -13.97 18.69
N TYR A 272 -9.25 -14.87 17.71
CA TYR A 272 -8.03 -15.59 17.37
C TYR A 272 -6.96 -14.65 16.83
N GLN A 273 -5.71 -14.93 17.17
CA GLN A 273 -4.58 -14.11 16.73
C GLN A 273 -3.39 -14.98 16.37
N MET A 274 -2.51 -14.44 15.52
CA MET A 274 -1.25 -15.11 15.15
C MET A 274 -0.28 -15.12 16.32
N ALA A 275 0.56 -16.15 16.36
CA ALA A 275 1.64 -16.26 17.34
C ALA A 275 2.70 -15.20 17.07
N GLN A 276 3.52 -14.90 18.08
CA GLN A 276 4.64 -13.97 17.94
C GLN A 276 5.58 -14.38 16.79
N PRO A 277 5.90 -13.43 15.89
CA PRO A 277 6.84 -13.73 14.80
C PRO A 277 8.25 -13.93 15.32
N ALA A 278 9.07 -14.65 14.56
CA ALA A 278 10.44 -14.98 14.96
C ALA A 278 11.26 -13.78 15.45
N PHE A 279 11.20 -12.67 14.71
CA PHE A 279 12.13 -11.57 14.94
C PHE A 279 11.52 -10.34 15.60
N ALA A 280 10.30 -10.50 16.12
CA ALA A 280 9.64 -9.42 16.83
C ALA A 280 10.01 -9.44 18.31
N PRO A 281 10.53 -8.31 18.85
CA PRO A 281 10.64 -8.17 20.29
C PRO A 281 9.24 -8.15 20.90
N LYS A 282 9.14 -8.65 22.14
CA LYS A 282 7.88 -8.65 22.87
C LYS A 282 7.09 -7.34 22.70
N ASN A 283 7.77 -6.21 22.82
CA ASN A 283 7.11 -4.90 22.80
C ASN A 283 6.58 -4.48 21.43
N ILE A 284 7.11 -5.08 20.37
CA ILE A 284 6.59 -4.87 19.03
C ILE A 284 5.39 -5.78 18.81
N TYR A 285 5.50 -7.01 19.31
CA TYR A 285 4.39 -7.95 19.25
C TYR A 285 3.15 -7.38 19.96
N SER A 286 3.35 -6.75 21.11
CA SER A 286 2.24 -6.14 21.84
C SER A 286 1.58 -4.97 21.08
N ILE A 287 2.31 -4.36 20.14
CA ILE A 287 1.71 -3.42 19.19
C ILE A 287 0.76 -4.16 18.25
N MET A 288 1.24 -5.29 17.71
CA MET A 288 0.42 -6.16 16.87
C MET A 288 -0.88 -6.54 17.56
N GLN A 289 -0.77 -7.01 18.80
CA GLN A 289 -1.92 -7.44 19.58
C GLN A 289 -2.94 -6.32 19.77
N ALA A 290 -2.44 -5.09 19.93
CA ALA A 290 -3.29 -3.92 20.15
C ALA A 290 -3.98 -3.51 18.85
N CYS A 291 -3.27 -3.66 17.74
CA CYS A 291 -3.84 -3.42 16.41
C CYS A 291 -4.97 -4.39 16.10
N TRP A 292 -4.96 -5.56 16.75
CA TRP A 292 -5.99 -6.57 16.54
C TRP A 292 -7.04 -6.63 17.65
N ALA A 293 -7.29 -5.50 18.29
CA ALA A 293 -8.36 -5.41 19.28
C ALA A 293 -9.71 -5.50 18.54
N LEU A 294 -10.61 -6.31 19.09
CA LEU A 294 -11.93 -6.53 18.50
C LEU A 294 -12.75 -5.25 18.50
N GLU A 295 -12.56 -4.44 19.54
CA GLU A 295 -13.10 -3.09 19.60
C GLU A 295 -12.21 -2.14 18.81
N PRO A 296 -12.69 -1.67 17.64
CA PRO A 296 -11.90 -0.80 16.74
C PRO A 296 -11.33 0.42 17.45
N THR A 297 -12.10 0.94 18.40
CA THR A 297 -11.77 2.18 19.08
C THR A 297 -10.68 1.99 20.16
N HIS A 298 -10.36 0.73 20.47
CA HIS A 298 -9.27 0.41 21.41
C HIS A 298 -7.93 0.20 20.70
N ARG A 299 -7.97 0.09 19.38
CA ARG A 299 -6.76 -0.01 18.56
C ARG A 299 -5.96 1.28 18.64
N PRO A 300 -4.61 1.18 18.56
CA PRO A 300 -3.77 2.39 18.59
C PRO A 300 -3.91 3.23 17.33
N THR A 301 -3.28 4.39 17.32
CA THR A 301 -3.29 5.26 16.15
C THR A 301 -1.92 5.23 15.48
N PHE A 302 -1.89 5.49 14.18
CA PHE A 302 -0.67 5.44 13.40
C PHE A 302 0.40 6.37 13.98
N GLN A 303 -0.02 7.55 14.41
CA GLN A 303 0.87 8.53 15.01
C GLN A 303 1.47 8.01 16.31
N GLN A 304 0.66 7.35 17.13
CA GLN A 304 1.15 6.75 18.38
C GLN A 304 2.25 5.73 18.06
N ILE A 305 1.92 4.82 17.15
CA ILE A 305 2.80 3.73 16.75
C ILE A 305 4.09 4.31 16.20
N CYS A 306 3.95 5.25 15.28
CA CYS A 306 5.07 5.96 14.68
C CYS A 306 6.04 6.50 15.74
N SER A 307 5.53 7.32 16.66
CA SER A 307 6.34 7.88 17.75
C SER A 307 7.03 6.80 18.57
N PHE A 308 6.29 5.74 18.90
CA PHE A 308 6.84 4.66 19.71
C PHE A 308 8.00 3.98 19.00
N LEU A 309 7.85 3.73 17.70
CA LEU A 309 8.87 3.04 16.93
C LEU A 309 10.09 3.91 16.62
N GLN A 310 9.88 5.23 16.51
CA GLN A 310 10.98 6.16 16.29
C GLN A 310 11.82 6.27 17.54
N GLU A 311 11.14 6.20 18.69
CA GLU A 311 11.78 6.17 20.00
C GLU A 311 12.61 4.90 20.20
N GLN A 312 12.05 3.76 19.82
CA GLN A 312 12.75 2.47 19.97
C GLN A 312 14.00 2.38 19.10
N ALA A 313 13.95 2.99 17.92
CA ALA A 313 15.06 2.95 16.95
C ALA A 313 16.25 3.80 17.39
N GLN A 314 15.98 4.77 18.27
CA GLN A 314 17.00 5.69 18.78
C GLN A 314 18.17 4.96 19.43
N GLU A 315 19.36 5.18 18.89
CA GLU A 315 20.57 4.58 19.46
C GLU A 315 21.00 5.34 20.72
N ASP A 316 21.31 4.58 21.76
CA ASP A 316 21.65 5.12 23.10
C ASP A 316 22.88 6.03 23.13
N ARG A 317 23.06 6.70 24.28
CA ARG A 317 24.19 7.60 24.51
C ARG A 317 25.50 6.82 24.66
#